data_8OHR
#
_entry.id   8OHR
#
_cell.length_a   44.436
_cell.length_b   71.080
_cell.length_c   78.232
_cell.angle_alpha   90.000
_cell.angle_beta   98.433
_cell.angle_gamma   90.000
#
_symmetry.space_group_name_H-M   'P 1 21 1'
#
loop_
_entity.id
_entity.type
_entity.pdbx_description
1 polymer 'Heparanase 50 kDa subunit'
2 polymer 'Heparanase 8 kDa subunit'
3 non-polymer '(3~{S},4~{R})-4,5,5-tris(oxidanyl)piperidine-3-carboxylic acid'
4 non-polymer 1,2-ETHANEDIOL
5 non-polymer 2-acetamido-2-deoxy-beta-D-glucopyranose
6 non-polymer 'CHLORIDE ION'
7 water water
#
loop_
_entity_poly.entity_id
_entity_poly.type
_entity_poly.pdbx_seq_one_letter_code
_entity_poly.pdbx_strand_id
1 'polypeptide(L)'
;KFKNSTYSRSSVDVLYTFANCSGLDLIFGLNALLRTADLQWNSSNAQLLLDYCSSKGYNISWELGNEPNSFLKKADIFIN
GSQLGEDFIQLHKLLRKSTFKNAKLYGPDVGQPRRKTAKMLKSFLKAGGEVIDSVTWHHYYLNGRTATREDFLNPDVLDI
FISSVQKVFQVVESTRPGKKVWLGETSSAYGGGAPLLSDTFAAGFMWLDKLGLSARMGIEVVMRQVFFGAGNYHLVDENF
DPLPDYWLSLLFKKLVGTKVLMASVQGSKRRKLRVYLHCTNTDNPRYKEGDLTLYAINLHNVTKYLRLPYPFSNKQVDKY
LLRPLGPHGLLSKSVQLNGLTLKMVDDQTLPPLMEKPLRPGSSLGLPAFSYSFFVIRNAKVAACI
;
AAA
2 'polypeptide(L)' QDVVDLDFFTQEPLHLVSPSFLSVTIDANLATDPRFLILLGSPKLRTLARGLSPAYLRFGGTKTDFLIFDPKKE BBB
#
loop_
_chem_comp.id
_chem_comp.type
_chem_comp.name
_chem_comp.formula
CL non-polymer 'CHLORIDE ION' 'Cl -1'
EDO non-polymer 1,2-ETHANEDIOL 'C2 H6 O2'
NAG D-saccharide, beta linking 2-acetamido-2-deoxy-beta-D-glucopyranose 'C8 H15 N O6'
VP5 non-polymer '(3~{S},4~{R})-4,5,5-tris(oxidanyl)piperidine-3-carboxylic acid' 'C6 H11 N O5'
#
# COMPACT_ATOMS: atom_id res chain seq x y z
N LYS A 3 -11.36 -6.54 -23.05
CA LYS A 3 -11.41 -5.94 -24.42
C LYS A 3 -10.60 -4.63 -24.46
N ASN A 4 -9.98 -4.37 -25.61
CA ASN A 4 -9.27 -3.11 -25.94
C ASN A 4 -10.23 -1.92 -25.80
N SER A 5 -9.68 -0.77 -25.43
CA SER A 5 -10.40 0.50 -25.23
C SER A 5 -9.36 1.61 -25.30
N THR A 6 -9.74 2.80 -25.75
CA THR A 6 -8.79 3.93 -25.91
C THR A 6 -9.07 4.95 -24.83
N TYR A 7 -8.11 5.83 -24.59
CA TYR A 7 -8.23 6.92 -23.60
C TYR A 7 -7.63 8.16 -24.21
N SER A 8 -8.10 9.32 -23.76
CA SER A 8 -7.86 10.63 -24.40
C SER A 8 -6.76 11.39 -23.68
N ARG A 9 -6.26 12.44 -24.34
CA ARG A 9 -5.38 13.46 -23.72
C ARG A 9 -6.07 13.97 -22.46
N SER A 10 -7.38 14.11 -22.51
CA SER A 10 -8.24 14.58 -21.40
C SER A 10 -8.10 13.62 -20.21
N SER A 11 -8.22 12.31 -20.48
CA SER A 11 -8.09 11.20 -19.49
C SER A 11 -6.71 11.27 -18.80
N VAL A 12 -5.65 11.50 -19.57
CA VAL A 12 -4.28 11.68 -19.02
C VAL A 12 -4.23 12.95 -18.17
N ASP A 13 -4.81 14.05 -18.67
CA ASP A 13 -4.78 15.37 -17.97
C ASP A 13 -5.50 15.28 -16.62
N VAL A 14 -6.66 14.61 -16.59
CA VAL A 14 -7.49 14.45 -15.35
C VAL A 14 -6.65 13.69 -14.31
N LEU A 15 -6.10 12.56 -14.70
CA LEU A 15 -5.27 11.69 -13.82
C LEU A 15 -4.06 12.48 -13.32
N TYR A 16 -3.31 13.12 -14.24
CA TYR A 16 -2.12 13.89 -13.86
C TYR A 16 -2.50 14.95 -12.85
N THR A 17 -3.59 15.68 -13.09
CA THR A 17 -3.96 16.85 -12.25
C THR A 17 -4.40 16.37 -10.87
N PHE A 18 -5.22 15.33 -10.83
CA PHE A 18 -5.56 14.66 -9.55
C PHE A 18 -4.27 14.38 -8.73
N ALA A 19 -3.29 13.67 -9.30
CA ALA A 19 -2.04 13.33 -8.59
C ALA A 19 -1.30 14.61 -8.17
N ASN A 20 -1.08 15.49 -9.14
CA ASN A 20 -0.32 16.75 -8.95
C ASN A 20 -0.95 17.57 -7.81
N CYS A 21 -2.24 17.84 -7.89
CA CYS A 21 -2.92 18.76 -6.95
C CYS A 21 -3.08 18.08 -5.58
N SER A 22 -2.99 16.73 -5.54
CA SER A 22 -3.07 15.96 -4.28
C SER A 22 -1.69 15.74 -3.64
N GLY A 23 -0.60 16.15 -4.29
CA GLY A 23 0.78 15.95 -3.80
C GLY A 23 1.20 14.48 -3.85
N LEU A 24 0.77 13.75 -4.88
CA LEU A 24 1.12 12.33 -5.10
C LEU A 24 2.01 12.24 -6.34
N ASP A 25 2.79 11.16 -6.41
CA ASP A 25 3.73 10.87 -7.51
C ASP A 25 3.12 9.81 -8.39
N LEU A 26 2.74 10.19 -9.61
CA LEU A 26 2.01 9.30 -10.54
C LEU A 26 2.96 8.27 -11.14
N ILE A 27 2.54 7.00 -11.12
CA ILE A 27 3.18 5.87 -11.84
C ILE A 27 2.12 5.36 -12.80
N PHE A 28 2.43 5.30 -14.10
CA PHE A 28 1.46 4.94 -15.18
C PHE A 28 1.87 3.59 -15.79
N GLY A 29 0.98 2.60 -15.71
CA GLY A 29 1.14 1.27 -16.32
C GLY A 29 0.92 1.34 -17.84
N LEU A 30 1.96 1.06 -18.62
CA LEU A 30 1.90 0.98 -20.11
C LEU A 30 1.40 -0.40 -20.53
N ASN A 31 0.66 -0.44 -21.65
CA ASN A 31 0.09 -1.65 -22.27
C ASN A 31 1.25 -2.50 -22.82
N ALA A 32 1.45 -3.70 -22.24
CA ALA A 32 2.53 -4.64 -22.57
C ALA A 32 2.07 -5.71 -23.56
N LEU A 33 0.78 -5.73 -23.93
CA LEU A 33 0.21 -6.72 -24.89
C LEU A 33 0.19 -6.16 -26.33
N LEU A 34 0.71 -4.96 -26.57
CA LEU A 34 0.94 -4.44 -27.96
C LEU A 34 2.20 -5.14 -28.50
N ARG A 35 2.03 -6.14 -29.35
CA ARG A 35 3.13 -7.08 -29.72
C ARG A 35 3.42 -6.98 -31.23
N THR A 36 4.68 -7.07 -31.62
CA THR A 36 5.10 -7.28 -33.04
C THR A 36 4.78 -8.73 -33.43
N ALA A 37 4.92 -9.08 -34.72
CA ALA A 37 4.71 -10.45 -35.25
C ALA A 37 5.58 -11.43 -34.46
N ASP A 38 6.80 -11.00 -34.12
CA ASP A 38 7.82 -11.75 -33.35
C ASP A 38 7.52 -11.74 -31.83
N LEU A 39 6.46 -11.06 -31.36
CA LEU A 39 6.07 -10.98 -29.93
C LEU A 39 7.10 -10.17 -29.15
N GLN A 40 7.81 -9.25 -29.83
CA GLN A 40 8.55 -8.17 -29.15
C GLN A 40 7.49 -7.17 -28.69
N TRP A 41 7.79 -6.37 -27.67
CA TRP A 41 6.89 -5.26 -27.31
C TRP A 41 6.92 -4.21 -28.42
N ASN A 42 5.74 -3.77 -28.88
CA ASN A 42 5.58 -2.61 -29.81
C ASN A 42 5.39 -1.34 -28.98
N SER A 43 6.37 -0.44 -29.02
CA SER A 43 6.51 0.77 -28.18
C SER A 43 5.89 2.02 -28.83
N SER A 44 5.21 1.87 -29.98
CA SER A 44 4.75 3.02 -30.80
C SER A 44 3.63 3.76 -30.06
N ASN A 45 2.61 3.04 -29.55
CA ASN A 45 1.52 3.69 -28.77
C ASN A 45 2.16 4.38 -27.55
N ALA A 46 3.06 3.68 -26.85
CA ALA A 46 3.71 4.24 -25.65
C ALA A 46 4.50 5.49 -26.06
N GLN A 47 5.11 5.47 -27.25
CA GLN A 47 5.87 6.65 -27.77
C GLN A 47 4.92 7.85 -27.94
N LEU A 48 3.73 7.63 -28.50
CA LEU A 48 2.71 8.71 -28.58
C LEU A 48 2.49 9.24 -27.16
N LEU A 49 2.25 8.36 -26.18
CA LEU A 49 1.87 8.82 -24.81
C LEU A 49 3.04 9.59 -24.21
N LEU A 50 4.28 9.08 -24.32
CA LEU A 50 5.48 9.75 -23.74
C LEU A 50 5.65 11.14 -24.36
N ASP A 51 5.34 11.27 -25.66
CA ASP A 51 5.44 12.54 -26.43
C ASP A 51 4.41 13.53 -25.91
N TYR A 52 3.16 13.10 -25.76
CA TYR A 52 2.10 13.95 -25.19
C TYR A 52 2.51 14.44 -23.80
N CYS A 53 2.87 13.52 -22.88
CA CYS A 53 3.22 13.89 -21.48
C CYS A 53 4.42 14.83 -21.50
N SER A 54 5.36 14.64 -22.41
CA SER A 54 6.51 15.57 -22.62
C SER A 54 5.99 16.98 -22.93
N SER A 55 5.18 17.13 -23.97
CA SER A 55 4.67 18.47 -24.38
C SER A 55 4.08 19.20 -23.15
N LYS A 56 3.59 18.47 -22.14
CA LYS A 56 2.81 19.05 -21.02
C LYS A 56 3.72 19.33 -19.81
N GLY A 57 4.96 18.84 -19.83
CA GLY A 57 5.90 18.97 -18.70
C GLY A 57 5.50 18.06 -17.54
N TYR A 58 4.74 17.01 -17.82
CA TYR A 58 4.29 16.00 -16.81
C TYR A 58 5.48 15.18 -16.25
N ASN A 59 5.65 15.21 -14.92
CA ASN A 59 6.63 14.42 -14.11
C ASN A 59 5.98 13.07 -13.76
N ILE A 60 6.22 12.02 -14.54
CA ILE A 60 5.52 10.71 -14.40
C ILE A 60 6.58 9.60 -14.38
N SER A 61 6.34 8.55 -13.58
CA SER A 61 7.14 7.30 -13.62
C SER A 61 6.30 6.18 -14.21
N TRP A 62 6.93 5.08 -14.58
CA TRP A 62 6.35 4.08 -15.52
C TRP A 62 6.45 2.67 -14.99
N GLU A 63 5.48 1.85 -15.40
CA GLU A 63 5.51 0.38 -15.33
C GLU A 63 5.13 -0.11 -16.72
N LEU A 64 5.38 -1.38 -16.99
CA LEU A 64 5.04 -1.99 -18.29
C LEU A 64 4.38 -3.32 -18.01
N GLY A 65 3.08 -3.41 -18.27
CA GLY A 65 2.32 -4.62 -18.01
C GLY A 65 1.83 -4.74 -16.56
N ASN A 66 0.81 -5.54 -16.39
CA ASN A 66 0.18 -5.83 -15.08
C ASN A 66 -0.07 -7.32 -15.04
N GLU A 67 0.51 -8.03 -14.06
CA GLU A 67 0.29 -9.49 -13.83
C GLU A 67 0.56 -10.23 -15.14
N PRO A 68 1.80 -10.12 -15.67
CA PRO A 68 2.15 -10.79 -16.94
C PRO A 68 1.97 -12.31 -16.90
N ASN A 69 2.00 -12.89 -15.70
CA ASN A 69 1.76 -14.33 -15.45
C ASN A 69 0.38 -14.73 -16.00
N SER A 70 -0.57 -13.80 -16.01
CA SER A 70 -1.99 -14.04 -16.40
C SER A 70 -2.23 -13.82 -17.90
N PHE A 71 -1.22 -13.40 -18.67
CA PHE A 71 -1.42 -12.96 -20.08
C PHE A 71 -2.01 -14.10 -20.93
N LEU A 72 -1.55 -15.34 -20.75
CA LEU A 72 -2.14 -16.51 -21.45
C LEU A 72 -3.62 -16.63 -21.11
N LYS A 73 -3.96 -16.66 -19.81
CA LYS A 73 -5.36 -16.72 -19.33
C LYS A 73 -6.17 -15.57 -19.93
N LYS A 74 -5.66 -14.33 -19.88
CA LYS A 74 -6.47 -13.11 -20.11
C LYS A 74 -6.48 -12.70 -21.58
N ALA A 75 -5.50 -13.09 -22.39
CA ALA A 75 -5.41 -12.62 -23.79
C ALA A 75 -4.86 -13.70 -24.72
N ASP A 76 -4.72 -14.96 -24.29
CA ASP A 76 -4.21 -16.10 -25.12
C ASP A 76 -2.86 -15.77 -25.76
N ILE A 77 -2.07 -14.92 -25.10
CA ILE A 77 -0.67 -14.55 -25.46
C ILE A 77 0.19 -14.96 -24.25
N PHE A 78 1.22 -15.77 -24.46
CA PHE A 78 2.22 -16.10 -23.41
C PHE A 78 3.50 -15.34 -23.72
N ILE A 79 3.90 -14.45 -22.79
CA ILE A 79 5.17 -13.68 -22.82
C ILE A 79 6.01 -14.24 -21.68
N ASN A 80 7.08 -14.96 -21.99
CA ASN A 80 8.02 -15.49 -20.96
C ASN A 80 8.72 -14.29 -20.29
N GLY A 81 9.28 -14.50 -19.11
CA GLY A 81 9.95 -13.45 -18.33
C GLY A 81 11.18 -12.90 -19.03
N SER A 82 11.93 -13.73 -19.78
CA SER A 82 13.12 -13.28 -20.54
C SER A 82 12.70 -12.18 -21.54
N GLN A 83 11.61 -12.40 -22.29
CA GLN A 83 11.11 -11.46 -23.32
C GLN A 83 10.63 -10.16 -22.63
N LEU A 84 9.84 -10.31 -21.57
CA LEU A 84 9.35 -9.14 -20.80
C LEU A 84 10.55 -8.34 -20.29
N GLY A 85 11.61 -9.03 -19.85
CA GLY A 85 12.85 -8.35 -19.48
C GLY A 85 13.42 -7.56 -20.65
N GLU A 86 13.41 -8.16 -21.84
CA GLU A 86 13.91 -7.50 -23.08
C GLU A 86 13.04 -6.27 -23.36
N ASP A 87 11.73 -6.41 -23.21
CA ASP A 87 10.74 -5.30 -23.36
C ASP A 87 11.01 -4.15 -22.38
N PHE A 88 11.31 -4.43 -21.10
CA PHE A 88 11.66 -3.36 -20.14
C PHE A 88 12.92 -2.64 -20.61
N ILE A 89 13.88 -3.36 -21.17
CA ILE A 89 15.14 -2.76 -21.69
C ILE A 89 14.78 -1.79 -22.85
N GLN A 90 13.93 -2.18 -23.79
CA GLN A 90 13.51 -1.24 -24.88
C GLN A 90 12.85 -0.03 -24.22
N LEU A 91 11.91 -0.24 -23.29
CA LEU A 91 11.17 0.90 -22.68
C LEU A 91 12.20 1.83 -22.03
N HIS A 92 13.19 1.28 -21.32
CA HIS A 92 14.22 2.07 -20.61
C HIS A 92 15.02 2.92 -21.62
N LYS A 93 15.32 2.38 -22.79
CA LYS A 93 16.08 3.11 -23.84
C LYS A 93 15.18 4.26 -24.34
N LEU A 94 13.89 4.01 -24.52
CA LEU A 94 12.92 5.07 -24.87
C LEU A 94 12.97 6.21 -23.86
N LEU A 95 12.82 5.88 -22.58
CA LEU A 95 12.75 6.91 -21.51
C LEU A 95 14.07 7.69 -21.49
N ARG A 96 15.19 7.04 -21.79
CA ARG A 96 16.53 7.71 -21.79
C ARG A 96 16.63 8.67 -22.98
N LYS A 97 15.99 8.31 -24.10
CA LYS A 97 15.92 9.11 -25.36
C LYS A 97 14.72 10.06 -25.35
N SER A 98 14.16 10.32 -24.18
CA SER A 98 13.02 11.24 -23.99
C SER A 98 13.44 12.26 -22.92
N THR A 99 12.56 13.22 -22.62
CA THR A 99 12.75 14.17 -21.49
C THR A 99 12.38 13.48 -20.16
N PHE A 100 11.98 12.20 -20.18
CA PHE A 100 11.76 11.34 -18.98
C PHE A 100 13.04 10.58 -18.60
N LYS A 101 14.21 11.04 -19.06
CA LYS A 101 15.54 10.40 -18.85
C LYS A 101 15.74 10.09 -17.37
N ASN A 102 15.27 10.97 -16.47
CA ASN A 102 15.48 10.88 -15.00
C ASN A 102 14.24 10.30 -14.29
N ALA A 103 13.26 9.78 -15.01
CA ALA A 103 12.06 9.16 -14.41
C ALA A 103 12.42 7.75 -13.96
N LYS A 104 11.52 7.09 -13.25
CA LYS A 104 11.75 5.74 -12.70
C LYS A 104 10.95 4.75 -13.53
N LEU A 105 11.38 3.50 -13.50
CA LEU A 105 10.75 2.38 -14.20
C LEU A 105 10.63 1.24 -13.19
N TYR A 106 9.42 0.74 -12.99
CA TYR A 106 9.15 -0.33 -11.99
C TYR A 106 8.49 -1.49 -12.70
N GLY A 107 8.69 -2.68 -12.18
CA GLY A 107 8.08 -3.89 -12.71
C GLY A 107 8.60 -5.10 -11.99
N PRO A 108 8.12 -6.29 -12.37
CA PRO A 108 7.12 -6.45 -13.43
C PRO A 108 5.64 -6.64 -13.04
N ASP A 109 5.28 -6.33 -11.80
CA ASP A 109 3.86 -6.39 -11.34
C ASP A 109 3.34 -7.83 -11.48
N VAL A 110 4.14 -8.80 -11.07
CA VAL A 110 3.71 -10.22 -11.02
C VAL A 110 2.80 -10.49 -9.82
N GLY A 111 1.90 -11.43 -10.00
CA GLY A 111 1.12 -11.97 -8.88
C GLY A 111 2.01 -12.62 -7.83
N GLN A 112 1.45 -12.83 -6.67
CA GLN A 112 2.11 -13.47 -5.51
C GLN A 112 2.59 -14.87 -5.85
N PRO A 113 3.53 -15.41 -5.04
CA PRO A 113 4.09 -16.74 -5.24
C PRO A 113 3.06 -17.85 -5.45
N ARG A 114 1.92 -17.79 -4.76
CA ARG A 114 0.85 -18.82 -4.86
C ARG A 114 0.31 -18.91 -6.30
N ARG A 115 0.47 -17.87 -7.12
CA ARG A 115 0.04 -17.89 -8.54
C ARG A 115 1.15 -18.48 -9.42
N LYS A 116 2.17 -19.15 -8.83
CA LYS A 116 3.31 -19.89 -9.47
C LYS A 116 4.01 -19.00 -10.50
N THR A 117 4.62 -17.96 -9.98
CA THR A 117 5.14 -16.79 -10.69
C THR A 117 6.66 -16.73 -10.51
N ALA A 118 7.26 -17.69 -9.80
CA ALA A 118 8.68 -17.66 -9.40
C ALA A 118 9.58 -17.67 -10.65
N LYS A 119 9.33 -18.57 -11.61
CA LYS A 119 10.14 -18.73 -12.83
C LYS A 119 10.01 -17.47 -13.68
N MET A 120 8.82 -16.91 -13.78
CA MET A 120 8.62 -15.69 -14.59
C MET A 120 9.40 -14.54 -13.95
N LEU A 121 9.31 -14.37 -12.63
CA LEU A 121 9.99 -13.25 -11.94
C LEU A 121 11.51 -13.42 -12.04
N LYS A 122 11.98 -14.66 -11.84
CA LYS A 122 13.44 -14.92 -11.86
C LYS A 122 14.02 -14.61 -13.25
N SER A 123 13.42 -15.13 -14.32
CA SER A 123 13.90 -14.93 -15.72
C SER A 123 13.75 -13.46 -16.08
N PHE A 124 12.68 -12.82 -15.61
CA PHE A 124 12.51 -11.36 -15.82
C PHE A 124 13.69 -10.66 -15.15
N LEU A 125 14.01 -10.97 -13.89
CA LEU A 125 15.05 -10.16 -13.21
C LEU A 125 16.43 -10.41 -13.85
N LYS A 126 16.65 -11.63 -14.32
CA LYS A 126 17.92 -12.03 -14.99
C LYS A 126 18.06 -11.18 -16.27
N ALA A 127 17.00 -11.15 -17.08
CA ALA A 127 16.90 -10.40 -18.37
C ALA A 127 16.92 -8.89 -18.14
N GLY A 128 15.96 -8.33 -17.38
CA GLY A 128 15.69 -6.87 -17.38
C GLY A 128 15.89 -6.20 -16.05
N GLY A 129 16.42 -6.91 -15.05
CA GLY A 129 16.54 -6.41 -13.68
C GLY A 129 17.42 -5.18 -13.57
N GLU A 130 18.30 -4.98 -14.54
CA GLU A 130 19.29 -3.89 -14.45
C GLU A 130 18.59 -2.55 -14.63
N VAL A 131 17.46 -2.51 -15.36
CA VAL A 131 16.84 -1.21 -15.75
C VAL A 131 15.67 -0.82 -14.83
N ILE A 132 15.24 -1.68 -13.89
CA ILE A 132 14.10 -1.33 -12.98
C ILE A 132 14.66 -0.75 -11.68
N ASP A 133 13.99 0.27 -11.16
CA ASP A 133 14.37 0.98 -9.91
C ASP A 133 13.86 0.21 -8.68
N SER A 134 12.80 -0.59 -8.82
CA SER A 134 12.22 -1.48 -7.77
C SER A 134 11.55 -2.66 -8.44
N VAL A 135 11.49 -3.79 -7.77
CA VAL A 135 10.75 -5.00 -8.22
C VAL A 135 9.35 -4.90 -7.61
N THR A 136 8.30 -4.94 -8.43
CA THR A 136 6.89 -4.83 -7.96
C THR A 136 6.24 -6.20 -8.04
N TRP A 137 5.48 -6.54 -7.02
CA TRP A 137 4.65 -7.76 -7.05
C TRP A 137 3.33 -7.47 -6.34
N HIS A 138 2.36 -8.36 -6.51
CA HIS A 138 0.99 -8.13 -5.99
C HIS A 138 0.68 -9.17 -4.91
N HIS A 139 -0.21 -8.80 -4.02
CA HIS A 139 -0.67 -9.73 -2.97
C HIS A 139 -2.13 -9.50 -2.64
N TYR A 140 -2.88 -10.59 -2.49
CA TYR A 140 -4.23 -10.59 -1.88
C TYR A 140 -4.25 -11.78 -0.94
N TYR A 141 -4.89 -11.65 0.22
CA TYR A 141 -5.04 -12.81 1.13
C TYR A 141 -6.12 -13.77 0.63
N LEU A 142 -7.23 -13.25 0.15
CA LEU A 142 -8.46 -14.06 0.00
C LEU A 142 -9.09 -13.82 -1.35
N ASN A 143 -10.00 -14.73 -1.72
CA ASN A 143 -10.92 -14.49 -2.85
C ASN A 143 -12.14 -13.73 -2.33
N GLY A 144 -12.42 -12.56 -2.91
CA GLY A 144 -13.56 -11.69 -2.53
C GLY A 144 -14.90 -12.41 -2.57
N ARG A 145 -15.08 -13.40 -3.43
CA ARG A 145 -16.39 -14.09 -3.62
C ARG A 145 -16.65 -15.08 -2.48
N THR A 146 -15.61 -15.62 -1.86
CA THR A 146 -15.74 -16.71 -0.85
C THR A 146 -15.26 -16.22 0.51
N ALA A 147 -14.61 -15.06 0.60
CA ALA A 147 -14.01 -14.63 1.88
C ALA A 147 -15.09 -14.53 2.97
N THR A 148 -14.78 -14.93 4.19
CA THR A 148 -15.73 -14.78 5.33
C THR A 148 -15.17 -13.79 6.34
N ARG A 149 -16.06 -13.32 7.21
CA ARG A 149 -15.73 -12.50 8.39
C ARG A 149 -14.67 -13.21 9.22
N GLU A 150 -14.76 -14.52 9.45
CA GLU A 150 -13.73 -15.20 10.26
C GLU A 150 -12.37 -15.14 9.56
N ASP A 151 -12.33 -15.22 8.23
CA ASP A 151 -11.07 -15.17 7.46
C ASP A 151 -10.36 -13.83 7.77
N PHE A 152 -11.11 -12.74 7.83
CA PHE A 152 -10.55 -11.38 8.02
C PHE A 152 -9.98 -11.26 9.44
N LEU A 153 -10.38 -12.13 10.37
CA LEU A 153 -9.96 -12.07 11.80
C LEU A 153 -9.00 -13.21 12.15
N ASN A 154 -8.52 -13.95 11.16
CA ASN A 154 -7.77 -15.22 11.38
C ASN A 154 -6.27 -14.97 11.34
N PRO A 155 -5.54 -15.10 12.47
CA PRO A 155 -4.09 -14.92 12.44
C PRO A 155 -3.40 -15.88 11.47
N ASP A 156 -3.97 -17.07 11.23
CA ASP A 156 -3.38 -18.06 10.29
C ASP A 156 -3.42 -17.50 8.86
N VAL A 157 -4.47 -16.75 8.53
CA VAL A 157 -4.56 -16.07 7.21
C VAL A 157 -3.49 -14.99 7.16
N LEU A 158 -3.41 -14.14 8.17
CA LEU A 158 -2.38 -13.06 8.20
C LEU A 158 -0.98 -13.63 8.04
N ASP A 159 -0.68 -14.74 8.72
CA ASP A 159 0.69 -15.31 8.75
C ASP A 159 1.15 -15.81 7.38
N ILE A 160 0.26 -16.17 6.47
CA ILE A 160 0.63 -16.71 5.14
C ILE A 160 1.43 -15.66 4.38
N PHE A 161 1.11 -14.39 4.59
CA PHE A 161 1.79 -13.25 3.94
C PHE A 161 3.31 -13.31 4.20
N ILE A 162 3.73 -13.76 5.36
CA ILE A 162 5.17 -13.86 5.73
C ILE A 162 5.89 -14.76 4.75
N SER A 163 5.33 -15.93 4.46
CA SER A 163 5.90 -16.87 3.46
C SER A 163 5.88 -16.28 2.05
N SER A 164 4.82 -15.59 1.66
CA SER A 164 4.78 -14.92 0.35
C SER A 164 5.97 -14.00 0.29
N VAL A 165 6.19 -13.19 1.31
CA VAL A 165 7.31 -12.20 1.23
C VAL A 165 8.64 -12.97 1.19
N GLN A 166 8.82 -14.00 2.01
CA GLN A 166 10.11 -14.72 2.00
C GLN A 166 10.36 -15.32 0.60
N LYS A 167 9.34 -15.87 -0.07
CA LYS A 167 9.49 -16.46 -1.43
C LYS A 167 9.89 -15.40 -2.45
N VAL A 168 9.26 -14.22 -2.45
CA VAL A 168 9.68 -13.10 -3.35
C VAL A 168 11.15 -12.74 -3.06
N PHE A 169 11.55 -12.57 -1.79
CA PHE A 169 12.95 -12.18 -1.50
C PHE A 169 13.91 -13.28 -1.98
N GLN A 170 13.53 -14.54 -1.85
CA GLN A 170 14.39 -15.66 -2.33
C GLN A 170 14.68 -15.52 -3.83
N VAL A 171 13.69 -15.14 -4.63
CA VAL A 171 13.92 -14.97 -6.08
C VAL A 171 14.83 -13.76 -6.28
N VAL A 172 14.52 -12.65 -5.61
CA VAL A 172 15.23 -11.36 -5.87
C VAL A 172 16.68 -11.49 -5.41
N GLU A 173 16.91 -12.16 -4.27
N GLU A 173 16.96 -12.12 -4.27
CA GLU A 173 18.27 -12.31 -3.68
CA GLU A 173 18.37 -12.12 -3.77
C GLU A 173 19.16 -13.05 -4.70
C GLU A 173 19.19 -13.13 -4.61
N SER A 174 18.57 -13.99 -5.43
CA SER A 174 19.28 -14.91 -6.37
C SER A 174 19.64 -14.22 -7.68
N THR A 175 19.12 -13.02 -7.97
CA THR A 175 19.18 -12.40 -9.33
C THR A 175 19.63 -10.95 -9.22
N ARG A 176 19.03 -10.15 -8.33
CA ARG A 176 19.38 -8.72 -8.18
C ARG A 176 19.42 -8.38 -6.69
N PRO A 177 20.42 -8.91 -5.95
CA PRO A 177 20.45 -8.72 -4.51
C PRO A 177 20.56 -7.23 -4.23
N GLY A 178 19.81 -6.71 -3.25
CA GLY A 178 19.82 -5.28 -2.89
C GLY A 178 18.88 -4.41 -3.73
N LYS A 179 18.30 -4.91 -4.81
CA LYS A 179 17.19 -4.23 -5.50
C LYS A 179 16.04 -4.02 -4.50
N LYS A 180 15.43 -2.83 -4.51
CA LYS A 180 14.24 -2.49 -3.68
C LYS A 180 13.05 -3.31 -4.13
N VAL A 181 12.25 -3.79 -3.18
CA VAL A 181 11.06 -4.61 -3.44
C VAL A 181 9.84 -3.82 -2.97
N TRP A 182 8.88 -3.71 -3.87
CA TRP A 182 7.62 -2.97 -3.66
C TRP A 182 6.46 -3.93 -3.82
N LEU A 183 5.48 -3.83 -2.93
CA LEU A 183 4.13 -4.36 -3.22
C LEU A 183 3.44 -3.34 -4.13
N GLY A 184 3.33 -3.65 -5.41
CA GLY A 184 2.87 -2.65 -6.38
C GLY A 184 1.36 -2.58 -6.41
N GLU A 185 0.67 -3.57 -5.85
CA GLU A 185 -0.80 -3.62 -5.86
C GLU A 185 -1.22 -4.66 -4.82
N THR A 186 -1.94 -4.26 -3.80
CA THR A 186 -2.24 -5.20 -2.70
C THR A 186 -3.51 -4.81 -1.97
N SER A 187 -4.22 -5.82 -1.48
CA SER A 187 -5.39 -5.62 -0.60
C SER A 187 -5.79 -6.92 0.09
N SER A 188 -6.94 -6.87 0.76
CA SER A 188 -7.58 -7.98 1.49
C SER A 188 -7.91 -9.14 0.53
N ALA A 189 -8.66 -8.87 -0.52
CA ALA A 189 -9.41 -9.91 -1.28
C ALA A 189 -9.49 -9.53 -2.75
N TYR A 190 -9.09 -10.45 -3.62
CA TYR A 190 -9.11 -10.22 -5.09
C TYR A 190 -10.58 -10.35 -5.58
N GLY A 191 -10.79 -10.08 -6.86
CA GLY A 191 -12.14 -10.07 -7.48
C GLY A 191 -12.92 -8.86 -7.01
N GLY A 192 -12.24 -7.76 -6.69
CA GLY A 192 -12.90 -6.50 -6.32
C GLY A 192 -13.12 -6.33 -4.82
N GLY A 193 -12.67 -7.25 -3.99
CA GLY A 193 -12.91 -7.16 -2.54
C GLY A 193 -14.13 -7.96 -2.12
N ALA A 194 -14.29 -8.14 -0.81
CA ALA A 194 -15.39 -8.86 -0.14
C ALA A 194 -16.42 -7.85 0.36
N PRO A 195 -17.65 -7.87 -0.19
CA PRO A 195 -18.69 -6.94 0.24
C PRO A 195 -18.91 -7.03 1.76
N LEU A 196 -19.08 -5.85 2.37
CA LEU A 196 -19.25 -5.61 3.84
C LEU A 196 -18.07 -6.15 4.63
N LEU A 197 -16.95 -6.52 3.99
CA LEU A 197 -15.73 -6.92 4.77
C LEU A 197 -14.58 -6.01 4.37
N SER A 198 -14.30 -5.91 3.08
CA SER A 198 -13.13 -5.18 2.53
C SER A 198 -13.29 -3.66 2.74
N ASP A 199 -14.51 -3.19 3.03
CA ASP A 199 -14.84 -1.75 3.16
C ASP A 199 -15.22 -1.42 4.60
N THR A 200 -14.87 -2.25 5.57
CA THR A 200 -15.32 -2.05 6.97
C THR A 200 -14.15 -2.00 7.91
N PHE A 201 -14.44 -1.74 9.19
CA PHE A 201 -13.46 -1.76 10.28
C PHE A 201 -12.69 -3.11 10.24
N ALA A 202 -13.36 -4.19 9.84
CA ALA A 202 -12.80 -5.56 9.78
C ALA A 202 -11.60 -5.63 8.83
N ALA A 203 -11.57 -4.79 7.80
CA ALA A 203 -10.50 -4.75 6.76
C ALA A 203 -9.17 -4.31 7.38
N GLY A 204 -9.22 -3.59 8.51
CA GLY A 204 -8.05 -2.90 9.07
C GLY A 204 -7.06 -3.88 9.67
N PHE A 205 -7.51 -5.04 10.19
CA PHE A 205 -6.60 -6.08 10.72
C PHE A 205 -5.62 -6.50 9.63
N MET A 206 -6.12 -6.86 8.45
CA MET A 206 -5.24 -7.26 7.33
C MET A 206 -4.43 -6.07 6.86
N TRP A 207 -5.01 -4.90 6.77
CA TRP A 207 -4.24 -3.76 6.22
C TRP A 207 -3.11 -3.34 7.19
N LEU A 208 -3.40 -3.18 8.49
CA LEU A 208 -2.36 -2.74 9.41
C LEU A 208 -1.28 -3.84 9.58
N ASP A 209 -1.65 -5.12 9.59
CA ASP A 209 -0.68 -6.23 9.72
C ASP A 209 0.23 -6.29 8.49
N LYS A 210 -0.33 -6.09 7.30
CA LYS A 210 0.44 -6.12 6.06
C LYS A 210 1.45 -4.97 6.09
N LEU A 211 1.02 -3.79 6.51
CA LEU A 211 1.97 -2.65 6.65
C LEU A 211 3.06 -3.00 7.66
N GLY A 212 2.69 -3.60 8.78
CA GLY A 212 3.69 -3.91 9.82
C GLY A 212 4.67 -4.93 9.33
N LEU A 213 4.19 -5.99 8.69
CA LEU A 213 5.06 -7.10 8.23
C LEU A 213 5.88 -6.60 7.04
N SER A 214 5.24 -5.83 6.14
CA SER A 214 5.95 -5.30 4.96
C SER A 214 7.18 -4.49 5.43
N ALA A 215 6.96 -3.59 6.37
CA ALA A 215 8.03 -2.70 6.89
C ALA A 215 9.09 -3.57 7.60
N ARG A 216 8.67 -4.50 8.46
CA ARG A 216 9.59 -5.36 9.23
C ARG A 216 10.45 -6.20 8.29
N MET A 217 9.90 -6.66 7.17
CA MET A 217 10.57 -7.65 6.30
C MET A 217 11.32 -6.99 5.14
N GLY A 218 11.32 -5.67 5.00
CA GLY A 218 12.22 -5.01 4.03
C GLY A 218 11.52 -4.61 2.74
N ILE A 219 10.18 -4.63 2.72
CA ILE A 219 9.43 -3.98 1.60
C ILE A 219 9.49 -2.46 1.78
N GLU A 220 9.85 -1.73 0.73
CA GLU A 220 10.11 -0.26 0.82
C GLU A 220 8.83 0.56 0.61
N VAL A 221 7.91 0.05 -0.20
CA VAL A 221 6.65 0.75 -0.59
C VAL A 221 5.54 -0.30 -0.75
N VAL A 222 4.35 0.04 -0.26
CA VAL A 222 3.11 -0.77 -0.31
C VAL A 222 2.02 0.07 -0.98
N MET A 223 1.51 -0.39 -2.11
CA MET A 223 0.51 0.36 -2.90
C MET A 223 -0.88 -0.29 -2.68
N ARG A 224 -1.71 0.36 -1.90
CA ARG A 224 -3.07 -0.11 -1.57
C ARG A 224 -3.98 -0.04 -2.80
N GLN A 225 -4.51 -1.19 -3.17
CA GLN A 225 -5.67 -1.36 -4.08
C GLN A 225 -6.92 -1.17 -3.24
N VAL A 226 -7.71 -0.09 -3.43
CA VAL A 226 -7.52 1.06 -4.29
C VAL A 226 -7.86 2.30 -3.48
N PHE A 227 -7.45 3.48 -3.91
CA PHE A 227 -7.79 4.70 -3.15
C PHE A 227 -9.30 4.95 -3.30
N PHE A 228 -9.80 4.73 -4.50
CA PHE A 228 -11.17 5.04 -4.92
C PHE A 228 -11.47 4.22 -6.15
N GLY A 229 -12.65 3.63 -6.22
CA GLY A 229 -13.11 2.86 -7.39
C GLY A 229 -14.22 1.92 -7.07
N ALA A 230 -14.53 0.99 -7.99
CA ALA A 230 -15.71 0.11 -7.91
C ALA A 230 -15.52 -0.96 -6.81
N GLY A 231 -14.30 -1.45 -6.61
CA GLY A 231 -14.04 -2.56 -5.68
C GLY A 231 -14.28 -2.13 -4.24
N ASN A 232 -14.80 -3.05 -3.44
CA ASN A 232 -15.17 -2.89 -2.02
C ASN A 232 -13.91 -2.61 -1.18
N TYR A 233 -12.70 -2.89 -1.69
CA TYR A 233 -11.42 -2.61 -1.01
C TYR A 233 -10.99 -1.14 -1.18
N HIS A 234 -11.84 -0.28 -1.75
CA HIS A 234 -11.61 1.19 -1.83
C HIS A 234 -11.42 1.79 -0.42
N LEU A 235 -10.50 2.76 -0.31
CA LEU A 235 -10.30 3.56 0.92
C LEU A 235 -11.42 4.58 1.05
N VAL A 236 -11.95 5.01 -0.07
CA VAL A 236 -13.02 6.04 -0.13
C VAL A 236 -14.16 5.47 -0.97
N ASP A 237 -15.39 5.57 -0.47
CA ASP A 237 -16.54 4.92 -1.14
C ASP A 237 -17.08 5.84 -2.25
N GLU A 238 -18.09 5.32 -2.94
CA GLU A 238 -18.74 5.90 -4.15
C GLU A 238 -19.36 7.26 -3.82
N ASN A 239 -19.62 7.57 -2.54
CA ASN A 239 -20.14 8.89 -2.11
C ASN A 239 -18.99 9.81 -1.71
N PHE A 240 -17.74 9.41 -1.95
CA PHE A 240 -16.53 10.18 -1.58
C PHE A 240 -16.41 10.24 -0.05
N ASP A 241 -16.99 9.29 0.67
CA ASP A 241 -16.85 9.22 2.17
C ASP A 241 -15.66 8.30 2.51
N PRO A 242 -14.71 8.76 3.34
CA PRO A 242 -13.62 7.90 3.82
C PRO A 242 -14.13 6.73 4.68
N LEU A 243 -13.65 5.53 4.35
CA LEU A 243 -13.93 4.30 5.11
C LEU A 243 -12.88 4.08 6.18
N PRO A 244 -13.10 3.10 7.07
CA PRO A 244 -12.21 2.92 8.22
C PRO A 244 -10.74 2.77 7.82
N ASP A 245 -10.44 2.11 6.68
CA ASP A 245 -9.04 1.91 6.22
C ASP A 245 -8.44 3.26 5.79
N TYR A 246 -9.26 4.22 5.34
CA TYR A 246 -8.71 5.56 5.04
C TYR A 246 -8.17 6.17 6.34
N TRP A 247 -8.98 6.16 7.39
CA TRP A 247 -8.61 6.77 8.70
C TRP A 247 -7.40 6.07 9.32
N LEU A 248 -7.37 4.75 9.23
CA LEU A 248 -6.22 3.92 9.66
C LEU A 248 -4.98 4.38 8.90
N SER A 249 -5.07 4.49 7.59
CA SER A 249 -3.97 4.92 6.73
C SER A 249 -3.49 6.33 7.12
N LEU A 250 -4.40 7.26 7.38
CA LEU A 250 -4.02 8.65 7.74
C LEU A 250 -3.30 8.64 9.10
N LEU A 251 -3.83 7.89 10.05
CA LEU A 251 -3.22 7.82 11.38
C LEU A 251 -1.81 7.21 11.25
N PHE A 252 -1.65 6.16 10.43
CA PHE A 252 -0.34 5.48 10.21
C PHE A 252 0.66 6.50 9.71
N LYS A 253 0.24 7.26 8.70
CA LYS A 253 1.09 8.29 8.08
C LYS A 253 1.53 9.33 9.10
N LYS A 254 0.66 9.72 10.00
CA LYS A 254 0.95 10.82 10.94
C LYS A 254 1.93 10.36 12.01
N LEU A 255 1.90 9.08 12.38
CA LEU A 255 2.59 8.61 13.60
C LEU A 255 3.84 7.79 13.28
N VAL A 256 3.85 7.04 12.18
CA VAL A 256 4.88 5.98 11.96
C VAL A 256 6.02 6.54 11.10
N GLY A 257 7.26 6.43 11.57
CA GLY A 257 8.45 6.90 10.84
C GLY A 257 9.00 5.88 9.87
N THR A 258 10.02 6.30 9.12
CA THR A 258 10.68 5.48 8.07
C THR A 258 11.64 4.44 8.68
N LYS A 259 12.16 4.67 9.88
CA LYS A 259 13.11 3.73 10.55
C LYS A 259 12.33 2.63 11.26
N VAL A 260 12.49 1.42 10.78
CA VAL A 260 11.73 0.24 11.26
C VAL A 260 12.56 -0.41 12.38
N LEU A 261 11.91 -0.69 13.49
CA LEU A 261 12.50 -1.46 14.62
C LEU A 261 11.70 -2.76 14.77
N MET A 262 11.70 -3.36 15.93
CA MET A 262 11.08 -4.67 16.12
C MET A 262 10.46 -4.71 17.48
N ALA A 263 9.28 -5.32 17.56
CA ALA A 263 8.67 -5.65 18.86
C ALA A 263 8.16 -7.07 18.76
N SER A 264 8.09 -7.72 19.90
CA SER A 264 7.62 -9.12 19.94
C SER A 264 6.97 -9.37 21.29
N VAL A 265 6.02 -10.29 21.32
CA VAL A 265 5.30 -10.64 22.57
C VAL A 265 6.05 -11.81 23.21
N GLN A 266 6.31 -11.77 24.52
CA GLN A 266 7.04 -12.85 25.22
C GLN A 266 6.19 -14.11 25.31
N GLY A 267 4.87 -14.02 25.47
CA GLY A 267 4.02 -15.21 25.28
C GLY A 267 4.50 -16.02 24.07
N SER A 268 4.60 -17.35 24.19
CA SER A 268 5.23 -18.25 23.18
C SER A 268 4.28 -18.64 22.03
N LYS A 269 3.09 -18.02 21.90
CA LYS A 269 2.03 -18.57 21.02
C LYS A 269 0.97 -17.52 20.68
N ARG A 270 -0.18 -18.03 20.21
CA ARG A 270 -1.41 -17.33 19.74
C ARG A 270 -1.16 -16.75 18.34
N ARG A 271 -0.20 -15.83 18.20
CA ARG A 271 -0.13 -15.00 16.99
C ARG A 271 -1.36 -14.07 16.91
N LYS A 272 -2.13 -13.99 17.99
N LYS A 272 -2.18 -13.97 17.97
CA LYS A 272 -3.37 -13.19 18.05
CA LYS A 272 -3.41 -13.12 17.96
C LYS A 272 -3.01 -11.73 18.39
C LYS A 272 -3.10 -11.72 18.53
N LEU A 273 -1.96 -11.53 19.17
CA LEU A 273 -1.47 -10.17 19.57
C LEU A 273 -0.28 -9.84 18.68
N ARG A 274 -0.42 -8.87 17.79
CA ARG A 274 0.60 -8.62 16.76
C ARG A 274 1.14 -7.22 17.01
N VAL A 275 2.45 -7.09 17.07
CA VAL A 275 3.10 -5.81 17.49
C VAL A 275 4.22 -5.45 16.52
N TYR A 276 4.31 -4.14 16.25
CA TYR A 276 5.26 -3.53 15.31
C TYR A 276 5.82 -2.26 15.95
N LEU A 277 7.05 -1.92 15.60
CA LEU A 277 7.76 -0.80 16.27
C LEU A 277 8.57 -0.05 15.23
N HIS A 278 8.31 1.25 15.13
CA HIS A 278 9.12 2.16 14.31
C HIS A 278 9.55 3.35 15.19
N CYS A 279 10.54 4.09 14.74
CA CYS A 279 10.75 5.48 15.22
C CYS A 279 9.48 6.28 14.88
N THR A 280 9.12 7.21 15.75
CA THR A 280 7.97 8.12 15.51
C THR A 280 8.29 9.01 14.29
N ASN A 281 7.27 9.30 13.47
CA ASN A 281 7.34 10.25 12.32
C ASN A 281 7.79 11.61 12.91
N THR A 282 8.94 12.16 12.54
CA THR A 282 9.39 13.45 13.15
C THR A 282 8.89 14.67 12.35
N ASP A 283 8.40 14.49 11.12
CA ASP A 283 7.61 15.52 10.39
C ASP A 283 6.35 15.83 11.19
N ASN A 284 6.10 15.09 12.27
CA ASN A 284 4.96 15.31 13.20
C ASN A 284 5.40 16.26 14.31
N PRO A 285 4.77 17.44 14.46
CA PRO A 285 5.23 18.43 15.44
C PRO A 285 4.98 18.19 16.93
N ARG A 286 4.17 17.22 17.37
CA ARG A 286 3.96 16.98 18.85
C ARG A 286 5.13 16.17 19.44
N TYR A 287 5.92 15.54 18.61
CA TYR A 287 6.89 14.51 19.06
C TYR A 287 8.29 14.97 18.65
N LYS A 288 9.29 14.30 19.20
CA LYS A 288 10.72 14.68 19.03
C LYS A 288 11.56 13.47 18.69
N GLU A 289 12.71 13.73 18.08
CA GLU A 289 13.85 12.79 17.90
C GLU A 289 13.89 11.82 19.06
N GLY A 290 13.94 10.53 18.77
CA GLY A 290 14.13 9.50 19.80
C GLY A 290 12.83 8.81 20.17
N ASP A 291 11.70 9.40 19.84
CA ASP A 291 10.36 8.87 20.23
C ASP A 291 10.08 7.61 19.40
N LEU A 292 9.31 6.70 20.00
CA LEU A 292 8.92 5.39 19.39
C LEU A 292 7.42 5.37 19.12
N THR A 293 7.04 4.75 18.01
CA THR A 293 5.64 4.44 17.74
C THR A 293 5.51 2.91 17.67
N LEU A 294 4.78 2.37 18.61
CA LEU A 294 4.33 0.96 18.68
C LEU A 294 2.94 0.90 18.06
N TYR A 295 2.67 -0.09 17.18
CA TYR A 295 1.26 -0.34 16.82
C TYR A 295 0.98 -1.80 17.03
N ALA A 296 -0.26 -2.07 17.41
CA ALA A 296 -0.63 -3.41 17.89
C ALA A 296 -2.02 -3.73 17.43
N ILE A 297 -2.19 -5.01 17.14
CA ILE A 297 -3.48 -5.62 16.75
C ILE A 297 -3.83 -6.63 17.82
N ASN A 298 -5.09 -6.66 18.25
CA ASN A 298 -5.57 -7.66 19.21
C ASN A 298 -6.68 -8.44 18.55
N LEU A 299 -6.39 -9.68 18.18
CA LEU A 299 -7.41 -10.60 17.58
C LEU A 299 -7.90 -11.58 18.64
N HIS A 300 -7.55 -11.38 19.90
CA HIS A 300 -8.22 -12.07 21.03
C HIS A 300 -9.62 -11.46 21.22
N ASN A 301 -10.51 -12.21 21.87
CA ASN A 301 -11.90 -11.76 22.13
C ASN A 301 -11.99 -11.17 23.54
N VAL A 302 -10.87 -10.86 24.18
CA VAL A 302 -10.81 -10.11 25.47
C VAL A 302 -9.79 -8.98 25.35
N THR A 303 -9.88 -8.01 26.25
CA THR A 303 -8.83 -6.98 26.39
C THR A 303 -7.51 -7.62 26.84
N LYS A 304 -6.40 -7.17 26.22
CA LYS A 304 -5.02 -7.55 26.59
C LYS A 304 -4.32 -6.26 27.03
N TYR A 305 -3.38 -6.41 27.96
CA TYR A 305 -2.64 -5.30 28.61
C TYR A 305 -1.17 -5.54 28.30
N LEU A 306 -0.61 -4.64 27.53
CA LEU A 306 0.80 -4.72 27.08
C LEU A 306 1.68 -3.99 28.09
N ARG A 307 2.72 -4.67 28.52
CA ARG A 307 3.75 -4.04 29.39
C ARG A 307 4.98 -3.66 28.55
N LEU A 308 5.37 -2.40 28.58
CA LEU A 308 6.58 -1.92 27.88
C LEU A 308 7.82 -2.42 28.61
N PRO A 309 8.86 -2.85 27.91
CA PRO A 309 10.06 -3.37 28.57
C PRO A 309 10.86 -2.20 29.13
N TYR A 310 11.73 -2.53 30.09
CA TYR A 310 12.85 -1.66 30.51
C TYR A 310 13.59 -1.14 29.28
N PRO A 311 13.99 0.14 29.22
CA PRO A 311 13.67 1.16 30.22
C PRO A 311 12.56 2.13 29.82
N PHE A 312 11.51 1.62 29.17
CA PHE A 312 10.42 2.45 28.61
C PHE A 312 9.17 2.35 29.48
N SER A 313 9.24 1.69 30.65
CA SER A 313 8.02 1.26 31.36
C SER A 313 7.46 2.38 32.25
N ASN A 314 8.14 3.51 32.39
CA ASN A 314 7.65 4.69 33.15
C ASN A 314 7.43 5.89 32.22
N LYS A 315 7.47 5.73 30.89
CA LYS A 315 7.36 6.87 29.95
C LYS A 315 5.90 7.34 29.80
N GLN A 316 5.74 8.60 29.41
CA GLN A 316 4.45 9.14 28.95
C GLN A 316 4.14 8.48 27.59
N VAL A 317 2.95 7.95 27.45
CA VAL A 317 2.46 7.29 26.20
C VAL A 317 1.14 7.96 25.76
N ASP A 318 1.06 8.32 24.47
CA ASP A 318 -0.16 8.78 23.78
C ASP A 318 -0.76 7.58 23.05
N LYS A 319 -1.98 7.24 23.38
CA LYS A 319 -2.75 6.16 22.75
C LYS A 319 -3.54 6.73 21.58
N TYR A 320 -3.62 5.98 20.51
CA TYR A 320 -4.49 6.30 19.37
C TYR A 320 -5.25 5.01 19.00
N LEU A 321 -6.31 4.75 19.74
CA LEU A 321 -7.10 3.50 19.68
C LEU A 321 -8.26 3.68 18.70
N LEU A 322 -8.35 2.77 17.74
CA LEU A 322 -9.41 2.73 16.72
C LEU A 322 -10.39 1.60 17.05
N ARG A 323 -11.66 1.95 17.10
CA ARG A 323 -12.76 1.00 17.35
C ARG A 323 -13.94 1.42 16.52
N PRO A 324 -14.79 0.47 16.07
CA PRO A 324 -15.93 0.82 15.24
C PRO A 324 -17.02 1.62 15.97
N LEU A 325 -17.66 2.50 15.22
CA LEU A 325 -18.90 3.16 15.66
C LEU A 325 -20.07 2.20 15.37
N GLY A 326 -20.97 1.96 16.34
CA GLY A 326 -22.05 0.93 16.25
C GLY A 326 -23.07 1.38 15.21
N PRO A 327 -24.13 0.61 14.90
CA PRO A 327 -24.40 -0.68 15.57
C PRO A 327 -23.71 -1.93 15.00
N HIS A 328 -22.95 -1.80 13.92
CA HIS A 328 -22.55 -2.95 13.07
C HIS A 328 -21.18 -3.53 13.48
N GLY A 329 -20.61 -3.10 14.61
CA GLY A 329 -19.35 -3.63 15.13
C GLY A 329 -18.27 -3.65 14.07
N LEU A 330 -17.65 -4.81 13.86
CA LEU A 330 -16.49 -4.94 12.98
C LEU A 330 -16.96 -4.75 11.54
N LEU A 331 -18.27 -4.89 11.27
CA LEU A 331 -18.81 -4.67 9.90
C LEU A 331 -19.22 -3.20 9.69
N SER A 332 -18.87 -2.31 10.62
CA SER A 332 -19.14 -0.86 10.53
C SER A 332 -18.25 -0.20 9.47
N LYS A 333 -18.79 0.81 8.81
CA LYS A 333 -18.07 1.72 7.90
C LYS A 333 -17.63 3.01 8.59
N SER A 334 -17.87 3.12 9.89
CA SER A 334 -17.52 4.33 10.68
C SER A 334 -16.63 3.90 11.83
N VAL A 335 -15.67 4.76 12.16
CA VAL A 335 -14.64 4.43 13.16
C VAL A 335 -14.49 5.60 14.12
N GLN A 336 -14.15 5.24 15.33
CA GLN A 336 -13.85 6.21 16.41
C GLN A 336 -12.38 6.10 16.79
N LEU A 337 -11.78 7.24 17.10
CA LEU A 337 -10.40 7.37 17.59
C LEU A 337 -10.48 7.79 19.06
N ASN A 338 -10.11 6.90 19.96
CA ASN A 338 -10.19 7.20 21.41
C ASN A 338 -11.63 7.63 21.73
N GLY A 339 -12.62 6.99 21.10
CA GLY A 339 -14.03 7.21 21.44
C GLY A 339 -14.63 8.44 20.79
N LEU A 340 -13.94 9.13 19.88
CA LEU A 340 -14.52 10.25 19.09
C LEU A 340 -14.65 9.80 17.62
N THR A 341 -15.83 9.94 17.04
CA THR A 341 -16.08 9.49 15.64
C THR A 341 -15.23 10.30 14.66
N LEU A 342 -14.55 9.65 13.72
CA LEU A 342 -13.71 10.35 12.71
C LEU A 342 -14.58 10.67 11.51
N LYS A 343 -14.73 11.96 11.25
CA LYS A 343 -15.48 12.49 10.10
C LYS A 343 -14.72 13.72 9.57
N MET A 344 -14.78 13.94 8.28
N MET A 344 -14.76 13.94 8.26
CA MET A 344 -14.33 15.23 7.70
CA MET A 344 -14.27 15.22 7.64
C MET A 344 -15.06 16.37 8.42
C MET A 344 -15.05 16.39 8.31
N VAL A 345 -14.36 17.47 8.68
CA VAL A 345 -15.01 18.69 9.26
C VAL A 345 -15.86 19.33 8.14
N ASP A 346 -15.32 19.35 6.93
CA ASP A 346 -16.07 19.72 5.71
C ASP A 346 -15.29 19.17 4.52
N ASP A 347 -15.71 19.48 3.29
CA ASP A 347 -15.11 18.88 2.08
C ASP A 347 -13.65 19.31 1.90
N GLN A 348 -13.19 20.37 2.55
CA GLN A 348 -11.78 20.83 2.44
C GLN A 348 -10.95 20.51 3.70
N THR A 349 -11.52 19.95 4.76
CA THR A 349 -10.83 19.94 6.07
C THR A 349 -10.92 18.56 6.74
N LEU A 350 -9.76 17.98 7.04
CA LEU A 350 -9.69 16.74 7.83
C LEU A 350 -9.72 17.12 9.30
N PRO A 351 -10.26 16.29 10.19
CA PRO A 351 -10.22 16.57 11.62
C PRO A 351 -8.83 16.43 12.23
N PRO A 352 -8.58 17.01 13.44
CA PRO A 352 -7.39 16.71 14.21
C PRO A 352 -7.50 15.23 14.56
N LEU A 353 -6.36 14.59 14.77
CA LEU A 353 -6.35 13.19 15.25
C LEU A 353 -5.88 13.25 16.69
N MET A 354 -6.82 13.23 17.64
CA MET A 354 -6.57 13.56 19.06
C MET A 354 -6.11 12.32 19.84
N GLU A 355 -4.90 12.43 20.38
CA GLU A 355 -4.26 11.42 21.27
C GLU A 355 -5.06 11.33 22.56
N LYS A 356 -4.91 10.22 23.24
CA LYS A 356 -5.30 10.06 24.66
C LYS A 356 -4.03 9.79 25.47
N PRO A 357 -3.51 10.77 26.23
CA PRO A 357 -2.35 10.51 27.09
C PRO A 357 -2.72 9.45 28.14
N LEU A 358 -1.84 8.49 28.38
CA LEU A 358 -2.07 7.48 29.44
C LEU A 358 -1.30 7.93 30.69
N ARG A 359 -1.72 7.46 31.85
CA ARG A 359 -0.99 7.77 33.10
C ARG A 359 0.33 6.98 33.01
N PRO A 360 1.49 7.67 33.17
CA PRO A 360 2.80 7.02 33.14
C PRO A 360 2.91 5.78 34.04
N GLY A 361 3.57 4.74 33.54
CA GLY A 361 3.70 3.42 34.20
C GLY A 361 2.47 2.52 34.08
N SER A 362 1.41 2.91 33.37
CA SER A 362 0.26 2.00 33.15
C SER A 362 0.57 1.02 32.01
N SER A 363 0.00 -0.18 32.08
CA SER A 363 0.00 -1.14 30.96
C SER A 363 -0.86 -0.54 29.83
N LEU A 364 -0.54 -0.89 28.59
CA LEU A 364 -1.28 -0.44 27.39
C LEU A 364 -2.50 -1.35 27.20
N GLY A 365 -3.71 -0.83 27.44
CA GLY A 365 -4.99 -1.58 27.27
C GLY A 365 -5.35 -1.68 25.78
N LEU A 366 -5.56 -2.89 25.26
CA LEU A 366 -5.98 -3.06 23.84
C LEU A 366 -7.22 -3.93 23.86
N PRO A 367 -8.40 -3.34 23.65
CA PRO A 367 -9.63 -4.11 23.62
C PRO A 367 -9.61 -5.23 22.56
N ALA A 368 -10.44 -6.22 22.81
CA ALA A 368 -10.73 -7.30 21.84
C ALA A 368 -11.02 -6.73 20.46
N PHE A 369 -10.47 -7.36 19.43
CA PHE A 369 -10.78 -7.04 18.01
C PHE A 369 -10.60 -5.54 17.77
N SER A 370 -9.41 -5.02 18.11
CA SER A 370 -9.10 -3.58 17.99
C SER A 370 -7.65 -3.42 17.55
N TYR A 371 -7.30 -2.26 17.03
CA TYR A 371 -5.89 -1.94 16.73
C TYR A 371 -5.64 -0.54 17.25
N SER A 372 -4.41 -0.27 17.64
CA SER A 372 -4.02 0.99 18.32
C SER A 372 -2.56 1.33 18.00
N PHE A 373 -2.28 2.63 17.88
CA PHE A 373 -0.91 3.20 17.91
C PHE A 373 -0.67 3.72 19.32
N PHE A 374 0.58 3.62 19.73
CA PHE A 374 1.08 4.11 21.04
C PHE A 374 2.39 4.81 20.78
N VAL A 375 2.46 6.12 21.06
CA VAL A 375 3.72 6.89 20.92
C VAL A 375 4.36 6.96 22.32
N ILE A 376 5.58 6.47 22.42
CA ILE A 376 6.37 6.41 23.68
C ILE A 376 7.17 7.70 23.68
N ARG A 377 6.75 8.67 24.47
CA ARG A 377 7.34 10.01 24.46
C ARG A 377 8.60 10.01 25.33
N ASN A 378 9.60 10.73 24.86
CA ASN A 378 10.89 10.90 25.56
C ASN A 378 11.56 9.53 25.63
N ALA A 379 11.39 8.71 24.58
CA ALA A 379 12.00 7.35 24.54
C ALA A 379 13.52 7.49 24.43
N LYS A 380 13.97 8.56 23.77
CA LYS A 380 15.40 8.94 23.63
C LYS A 380 16.15 7.79 22.97
N VAL A 381 15.56 7.22 21.94
CA VAL A 381 16.19 6.10 21.24
C VAL A 381 17.17 6.67 20.23
N ALA A 382 18.47 6.38 20.42
CA ALA A 382 19.56 6.94 19.58
C ALA A 382 19.43 6.47 18.12
N ALA A 383 18.98 5.25 17.86
CA ALA A 383 18.71 4.82 16.47
C ALA A 383 17.70 5.78 15.80
N CYS A 384 16.82 6.43 16.56
CA CYS A 384 15.77 7.35 16.02
C CYS A 384 16.19 8.81 16.13
N ILE A 385 17.48 9.05 16.36
CA ILE A 385 18.08 10.42 16.52
C ILE A 385 19.07 10.53 15.35
N GLN B 1 -4.66 -14.89 32.83
CA GLN B 1 -3.90 -13.62 32.77
C GLN B 1 -3.93 -13.06 31.35
N ASP B 2 -4.25 -11.77 31.26
CA ASP B 2 -4.47 -11.02 30.00
C ASP B 2 -3.35 -9.98 29.90
N VAL B 3 -2.27 -10.15 30.66
CA VAL B 3 -1.13 -9.22 30.66
C VAL B 3 -0.04 -9.86 29.82
N VAL B 4 0.57 -9.10 28.94
CA VAL B 4 1.56 -9.56 27.94
C VAL B 4 2.79 -8.68 28.09
N ASP B 5 3.97 -9.30 28.07
CA ASP B 5 5.24 -8.53 28.13
C ASP B 5 5.76 -8.38 26.69
N LEU B 6 6.18 -7.18 26.34
CA LEU B 6 6.79 -6.88 25.03
C LEU B 6 8.32 -6.89 25.16
N ASP B 7 9.00 -7.41 24.15
CA ASP B 7 10.45 -7.22 23.88
C ASP B 7 10.60 -6.24 22.71
N PHE B 8 11.53 -5.31 22.84
CA PHE B 8 11.81 -4.31 21.78
C PHE B 8 13.25 -4.45 21.35
N PHE B 9 13.51 -4.38 20.05
CA PHE B 9 14.88 -4.15 19.52
C PHE B 9 14.95 -2.68 19.12
N THR B 10 15.89 -1.92 19.72
CA THR B 10 16.05 -0.44 19.50
C THR B 10 17.48 -0.05 19.16
N GLN B 11 18.40 -1.00 18.90
CA GLN B 11 19.85 -0.70 18.76
C GLN B 11 20.10 0.07 17.47
N GLU B 12 19.42 -0.29 16.38
CA GLU B 12 19.63 0.33 15.07
C GLU B 12 18.40 0.13 14.20
N PRO B 13 18.20 1.00 13.18
CA PRO B 13 17.16 0.78 12.20
C PRO B 13 17.44 -0.58 11.59
N LEU B 14 16.40 -1.42 11.51
CA LEU B 14 16.51 -2.70 10.78
C LEU B 14 16.22 -2.48 9.30
N HIS B 15 15.36 -1.53 9.00
CA HIS B 15 15.01 -1.15 7.60
C HIS B 15 14.69 0.33 7.57
N LEU B 16 14.79 0.88 6.37
CA LEU B 16 14.37 2.27 6.12
C LEU B 16 13.33 2.22 5.03
N VAL B 17 12.06 2.46 5.37
CA VAL B 17 11.01 2.48 4.33
C VAL B 17 11.02 3.88 3.71
N SER B 18 10.46 4.00 2.53
CA SER B 18 10.28 5.30 1.86
C SER B 18 9.32 6.12 2.72
N PRO B 19 9.45 7.46 2.70
CA PRO B 19 8.40 8.34 3.20
C PRO B 19 7.04 8.05 2.56
N SER B 20 7.03 7.56 1.31
CA SER B 20 5.84 7.13 0.55
C SER B 20 5.48 5.65 0.80
N PHE B 21 5.97 5.06 1.88
CA PHE B 21 5.75 3.64 2.21
C PHE B 21 4.26 3.27 1.97
N LEU B 22 3.34 4.03 2.58
CA LEU B 22 1.88 3.81 2.41
C LEU B 22 1.43 4.62 1.19
N SER B 23 1.34 3.92 0.08
CA SER B 23 0.99 4.46 -1.25
C SER B 23 -0.35 3.84 -1.69
N VAL B 24 -0.88 4.28 -2.84
CA VAL B 24 -2.28 3.88 -3.21
C VAL B 24 -2.31 3.63 -4.70
N THR B 25 -3.35 2.96 -5.18
CA THR B 25 -3.57 2.74 -6.62
C THR B 25 -4.89 3.38 -7.04
N ILE B 26 -5.01 3.64 -8.32
CA ILE B 26 -6.31 3.80 -9.02
C ILE B 26 -6.27 2.75 -10.11
N ASP B 27 -7.29 1.90 -10.16
CA ASP B 27 -7.41 0.81 -11.14
C ASP B 27 -7.54 1.48 -12.52
N ALA B 28 -6.79 1.00 -13.50
CA ALA B 28 -6.88 1.44 -14.91
C ALA B 28 -8.33 1.32 -15.39
N ASN B 29 -9.12 0.43 -14.79
CA ASN B 29 -10.54 0.21 -15.17
C ASN B 29 -11.36 1.49 -14.97
N LEU B 30 -11.00 2.35 -14.01
CA LEU B 30 -11.75 3.60 -13.68
C LEU B 30 -11.78 4.53 -14.90
N ALA B 31 -10.73 4.52 -15.73
CA ALA B 31 -10.61 5.35 -16.95
C ALA B 31 -11.66 4.93 -17.99
N THR B 32 -12.30 3.77 -17.84
CA THR B 32 -13.45 3.34 -18.69
C THR B 32 -14.78 3.79 -18.09
N ASP B 33 -14.80 4.43 -16.91
CA ASP B 33 -16.02 5.01 -16.30
C ASP B 33 -16.33 6.31 -17.03
N PRO B 34 -17.58 6.49 -17.55
CA PRO B 34 -17.99 7.77 -18.15
C PRO B 34 -17.81 8.95 -17.17
N ARG B 35 -17.93 8.71 -15.87
CA ARG B 35 -17.85 9.75 -14.81
C ARG B 35 -16.40 10.04 -14.39
N PHE B 36 -15.38 9.44 -15.05
CA PHE B 36 -13.94 9.49 -14.66
C PHE B 36 -13.53 10.94 -14.39
N LEU B 37 -13.93 11.85 -15.28
CA LEU B 37 -13.63 13.31 -15.21
C LEU B 37 -14.26 13.92 -13.94
N ILE B 38 -15.54 13.64 -13.71
CA ILE B 38 -16.25 14.16 -12.50
C ILE B 38 -15.53 13.64 -11.26
N LEU B 39 -15.16 12.37 -11.23
CA LEU B 39 -14.76 11.70 -9.96
C LEU B 39 -13.43 12.28 -9.49
N LEU B 40 -12.40 12.20 -10.33
CA LEU B 40 -11.04 12.69 -10.02
C LEU B 40 -11.03 14.22 -10.02
N GLY B 41 -12.08 14.86 -10.51
CA GLY B 41 -12.24 16.32 -10.35
C GLY B 41 -12.67 16.72 -8.95
N SER B 42 -13.09 15.77 -8.09
CA SER B 42 -13.82 16.07 -6.82
C SER B 42 -12.90 16.80 -5.86
N PRO B 43 -13.24 18.03 -5.39
CA PRO B 43 -12.37 18.71 -4.43
C PRO B 43 -12.29 17.90 -3.11
N LYS B 44 -13.37 17.22 -2.77
CA LYS B 44 -13.47 16.32 -1.58
C LYS B 44 -12.42 15.19 -1.69
N LEU B 45 -12.39 14.52 -2.83
CA LEU B 45 -11.48 13.39 -3.10
C LEU B 45 -10.04 13.91 -3.05
N ARG B 46 -9.83 15.15 -3.49
CA ARG B 46 -8.48 15.74 -3.49
C ARG B 46 -8.04 16.02 -2.06
N THR B 47 -8.95 16.47 -1.20
CA THR B 47 -8.67 16.74 0.24
C THR B 47 -8.19 15.42 0.87
N LEU B 48 -8.95 14.35 0.62
CA LEU B 48 -8.64 13.00 1.17
C LEU B 48 -7.29 12.51 0.61
N ALA B 49 -7.02 12.63 -0.69
CA ALA B 49 -5.74 12.22 -1.30
C ALA B 49 -4.59 13.00 -0.68
N ARG B 50 -4.76 14.32 -0.49
CA ARG B 50 -3.68 15.18 0.07
C ARG B 50 -3.28 14.69 1.46
N GLY B 51 -4.26 14.18 2.23
CA GLY B 51 -4.02 13.62 3.56
C GLY B 51 -2.98 12.52 3.53
N LEU B 52 -2.89 11.78 2.42
CA LEU B 52 -1.96 10.62 2.33
C LEU B 52 -0.63 11.03 1.69
N SER B 53 -0.48 12.29 1.24
CA SER B 53 0.82 12.80 0.74
C SER B 53 1.84 12.74 1.90
N PRO B 54 3.10 12.31 1.72
CA PRO B 54 3.61 11.81 0.45
C PRO B 54 3.25 10.35 0.14
N ALA B 55 2.97 10.08 -1.13
CA ALA B 55 2.60 8.76 -1.61
C ALA B 55 2.76 8.71 -3.12
N TYR B 56 3.06 7.52 -3.62
CA TYR B 56 2.84 7.16 -5.03
C TYR B 56 1.35 6.92 -5.24
N LEU B 57 0.91 7.27 -6.46
CA LEU B 57 -0.39 6.85 -6.98
C LEU B 57 -0.07 6.03 -8.20
N ARG B 58 -0.32 4.72 -8.10
CA ARG B 58 -0.12 3.80 -9.24
C ARG B 58 -1.44 3.70 -9.99
N PHE B 59 -1.40 4.00 -11.28
CA PHE B 59 -2.52 3.82 -12.22
C PHE B 59 -2.28 2.55 -13.04
N GLY B 60 -3.08 1.52 -12.80
CA GLY B 60 -2.80 0.21 -13.39
C GLY B 60 -3.76 -0.83 -12.88
N GLY B 61 -3.66 -2.04 -13.39
CA GLY B 61 -4.61 -3.12 -13.08
C GLY B 61 -4.77 -3.95 -14.33
N THR B 62 -5.64 -4.94 -14.30
CA THR B 62 -5.86 -5.80 -15.48
C THR B 62 -5.98 -4.94 -16.75
N LYS B 63 -6.72 -3.83 -16.69
CA LYS B 63 -7.07 -2.99 -17.88
C LYS B 63 -5.82 -2.32 -18.48
N THR B 64 -4.73 -2.20 -17.70
CA THR B 64 -3.42 -1.68 -18.18
C THR B 64 -3.09 -2.21 -19.59
N ASP B 65 -3.32 -3.51 -19.82
CA ASP B 65 -2.90 -4.28 -21.02
C ASP B 65 -4.04 -4.35 -22.05
N PHE B 66 -5.07 -3.52 -21.87
CA PHE B 66 -6.26 -3.45 -22.76
C PHE B 66 -6.66 -1.98 -22.96
N LEU B 67 -5.79 -1.05 -22.60
CA LEU B 67 -5.93 0.41 -22.87
C LEU B 67 -4.97 0.80 -23.98
N ILE B 68 -5.43 1.65 -24.89
CA ILE B 68 -4.62 2.21 -26.02
C ILE B 68 -4.77 3.73 -25.96
N PHE B 69 -3.67 4.46 -26.00
CA PHE B 69 -3.70 5.94 -25.99
C PHE B 69 -4.09 6.43 -27.39
N ASP B 70 -5.11 7.29 -27.48
CA ASP B 70 -5.56 7.96 -28.73
C ASP B 70 -5.32 9.46 -28.57
N PRO B 71 -4.25 10.02 -29.16
CA PRO B 71 -4.05 11.46 -29.16
C PRO B 71 -5.11 12.21 -29.98
N LYS B 72 -5.89 11.51 -30.82
CA LYS B 72 -7.03 12.11 -31.59
C LYS B 72 -8.24 12.30 -30.69
N LYS B 73 -8.49 11.36 -29.78
CA LYS B 73 -9.76 11.31 -29.00
C LYS B 73 -9.82 12.49 -28.04
N GLU B 74 -11.02 13.04 -27.85
CA GLU B 74 -11.32 14.23 -27.00
C GLU B 74 -11.12 13.83 -25.53
C4 VP5 C . -5.59 -6.54 -11.09
C5 VP5 C . -6.69 -5.56 -10.76
C6 VP5 C . -7.88 -6.31 -10.10
N1 VP5 C . -5.16 -7.24 -9.86
C3 VP5 C . -6.27 -7.99 -9.23
O1 VP5 C . -8.78 -8.97 -8.47
C1 VP5 C . -8.60 -7.78 -8.17
O2 VP5 C . -9.36 -7.13 -7.43
C2 VP5 C . -7.42 -7.06 -8.84
O3 VP5 C . -7.15 -4.78 -11.85
O4 VP5 C . -6.15 -4.65 -9.84
O5 VP5 C . -8.86 -5.34 -9.75
C1 EDO D . 6.72 6.10 6.80
O1 EDO D . 6.84 7.25 7.62
C2 EDO D . 5.33 5.54 6.97
O2 EDO D . 4.31 6.45 6.56
C1 EDO E . -10.85 12.59 17.07
O1 EDO E . -9.56 13.00 16.71
C2 EDO E . -11.91 13.52 16.65
O2 EDO E . -11.66 14.15 15.44
C1 NAG F . -13.87 -16.21 23.52
C2 NAG F . -15.25 -16.17 24.26
C3 NAG F . -15.62 -17.49 24.95
C4 NAG F . -15.51 -18.64 23.95
C5 NAG F . -14.07 -18.61 23.43
C6 NAG F . -13.77 -19.80 22.56
C7 NAG F . -15.85 -13.90 25.12
C8 NAG F . -15.48 -12.87 26.14
N2 NAG F . -15.25 -15.09 25.27
O3 NAG F . -16.96 -17.43 25.48
O4 NAG F . -15.86 -19.92 24.53
O5 NAG F . -13.82 -17.39 22.71
O6 NAG F . -12.51 -20.28 23.02
O7 NAG F . -16.59 -13.59 24.19
C1 EDO G . -21.12 -7.62 14.08
O1 EDO G . -21.31 -8.33 15.30
C2 EDO G . -19.84 -7.60 13.32
O2 EDO G . -18.69 -7.96 13.94
CL CL H . -12.39 1.04 -10.63
#